data_1HQD
#
_entry.id   1HQD
#
_cell.length_a   89.060
_cell.length_b   46.630
_cell.length_c   84.300
_cell.angle_alpha   90.00
_cell.angle_beta   120.86
_cell.angle_gamma   90.00
#
_symmetry.space_group_name_H-M   'C 1 2 1'
#
loop_
_entity.id
_entity.type
_entity.pdbx_description
1 polymer LIPASE
2 non-polymer 'CALCIUM ION'
3 non-polymer '(RP,SP)-O-(2R)-(1-PHENOXYBUT-2-YL)-METHYLPHOSPHONIC ACID CHLORIDE'
4 water water
#
_entity_poly.entity_id   1
_entity_poly.type   'polypeptide(L)'
_entity_poly.pdbx_seq_one_letter_code
;ADNYAATRYPIILVHGLTGTDKYAGVLEYWYGIQEDLQQRGATVYVANLSGFQSDDGPNGRGEQLLAYVKTVLAATGATK
VNLVGHSQGGLTSRYVAAVAPDLVASVTTIGTPHRGSEFADFVQGVLAYDPTGLSSTVIAAFVNVFGILTSSSNNTNQDA
LAALKTLTTAQAATYNQNYPSAGLGAPGSCQTGAPTETVGGNTHLLYSWAGTAIQPTISVFGVTGATDTSTIPLVDPANA
LDPSTLALFGTGTVMVNRGSGQNDGVVSKCSALYGQVLSTSYKWNHLDEINQLLGVRGANAEDPVAVIRTHANRLKLAGV
;
_entity_poly.pdbx_strand_id   A
#
loop_
_chem_comp.id
_chem_comp.type
_chem_comp.name
_chem_comp.formula
CA non-polymer 'CALCIUM ION' 'Ca 2'
INK non-polymer '(RP,SP)-O-(2R)-(1-PHENOXYBUT-2-YL)-METHYLPHOSPHONIC ACID CHLORIDE' 'C11 H16 Cl O3 P'
#
# COMPACT_ATOMS: atom_id res chain seq x y z
N ALA A 1 -26.83 9.10 5.57
CA ALA A 1 -25.95 9.39 4.40
C ALA A 1 -25.92 10.89 4.07
N ASP A 2 -24.86 11.30 3.40
CA ASP A 2 -24.69 12.68 2.98
C ASP A 2 -23.66 12.69 1.86
N ASN A 3 -23.06 13.85 1.62
CA ASN A 3 -22.06 13.97 0.57
C ASN A 3 -20.71 14.44 1.11
N TYR A 4 -20.43 14.06 2.35
CA TYR A 4 -19.18 14.43 3.01
C TYR A 4 -17.98 13.98 2.19
N ALA A 5 -18.09 12.80 1.56
CA ALA A 5 -17.01 12.26 0.76
C ALA A 5 -17.30 12.29 -0.75
N ALA A 6 -18.21 13.18 -1.16
CA ALA A 6 -18.56 13.29 -2.57
C ALA A 6 -17.49 14.03 -3.38
N THR A 7 -16.59 13.28 -4.00
CA THR A 7 -15.52 13.87 -4.81
C THR A 7 -16.00 14.07 -6.25
N ARG A 8 -15.35 14.98 -6.96
CA ARG A 8 -15.69 15.23 -8.34
C ARG A 8 -15.43 14.00 -9.21
N TYR A 9 -14.24 13.42 -9.07
CA TYR A 9 -13.86 12.24 -9.86
C TYR A 9 -13.97 10.97 -9.05
N PRO A 10 -14.35 9.86 -9.71
CA PRO A 10 -14.50 8.55 -9.08
C PRO A 10 -13.25 8.13 -8.31
N ILE A 11 -13.45 7.45 -7.19
CA ILE A 11 -12.32 6.98 -6.40
C ILE A 11 -12.06 5.51 -6.70
N ILE A 12 -10.78 5.16 -6.85
CA ILE A 12 -10.41 3.80 -7.10
C ILE A 12 -9.39 3.37 -6.06
N LEU A 13 -9.74 2.35 -5.30
CA LEU A 13 -8.87 1.81 -4.26
C LEU A 13 -8.00 0.76 -4.93
N VAL A 14 -6.70 0.80 -4.63
CA VAL A 14 -5.75 -0.13 -5.23
C VAL A 14 -4.98 -0.94 -4.18
N HIS A 15 -5.28 -2.25 -4.13
CA HIS A 15 -4.62 -3.14 -3.17
C HIS A 15 -3.15 -3.38 -3.47
N GLY A 16 -2.43 -3.92 -2.48
CA GLY A 16 -1.02 -4.22 -2.66
C GLY A 16 -0.76 -5.69 -2.89
N LEU A 17 0.46 -6.15 -2.60
CA LEU A 17 0.86 -7.54 -2.78
C LEU A 17 -0.02 -8.49 -1.95
N THR A 18 -0.31 -9.65 -2.53
CA THR A 18 -1.16 -10.71 -1.95
C THR A 18 -2.62 -10.32 -2.05
N GLY A 19 -2.87 -9.07 -2.40
CA GLY A 19 -4.24 -8.58 -2.50
C GLY A 19 -5.07 -8.97 -3.70
N THR A 20 -6.34 -8.56 -3.61
CA THR A 20 -7.37 -8.78 -4.62
C THR A 20 -8.52 -7.92 -4.10
N ASP A 21 -9.52 -7.64 -4.92
CA ASP A 21 -10.62 -6.82 -4.42
C ASP A 21 -11.36 -7.53 -3.31
N LYS A 22 -11.51 -8.85 -3.44
CA LYS A 22 -12.22 -9.63 -2.43
C LYS A 22 -11.55 -11.00 -2.27
N TYR A 23 -10.85 -11.20 -1.15
CA TYR A 23 -10.17 -12.48 -0.90
C TYR A 23 -11.14 -13.65 -0.99
N ALA A 24 -10.79 -14.63 -1.81
CA ALA A 24 -11.65 -15.80 -2.00
C ALA A 24 -13.07 -15.34 -2.30
N GLY A 25 -13.18 -14.16 -2.90
CA GLY A 25 -14.48 -13.61 -3.23
C GLY A 25 -15.35 -13.38 -2.01
N VAL A 26 -14.76 -13.52 -0.83
CA VAL A 26 -15.49 -13.34 0.43
C VAL A 26 -15.06 -12.11 1.24
N LEU A 27 -13.80 -12.08 1.67
CA LEU A 27 -13.29 -10.97 2.46
C LEU A 27 -12.71 -9.83 1.63
N GLU A 28 -13.35 -8.66 1.72
CA GLU A 28 -12.88 -7.50 0.98
C GLU A 28 -11.58 -6.93 1.56
N TYR A 29 -10.64 -6.64 0.68
CA TYR A 29 -9.34 -6.10 1.05
C TYR A 29 -9.49 -4.80 1.84
N TRP A 30 -10.28 -3.87 1.31
CA TRP A 30 -10.51 -2.59 1.97
C TRP A 30 -11.74 -2.78 2.86
N TYR A 31 -11.55 -3.50 3.95
CA TYR A 31 -12.63 -3.84 4.87
C TYR A 31 -13.55 -2.69 5.29
N GLY A 32 -14.79 -2.76 4.80
CA GLY A 32 -15.82 -1.76 5.12
C GLY A 32 -15.60 -0.37 4.58
N ILE A 33 -14.51 -0.16 3.87
CA ILE A 33 -14.18 1.16 3.34
C ILE A 33 -15.01 1.61 2.13
N GLN A 34 -15.27 0.71 1.18
CA GLN A 34 -16.06 1.10 0.02
C GLN A 34 -17.49 1.41 0.46
N GLU A 35 -18.01 0.63 1.39
CA GLU A 35 -19.37 0.84 1.89
C GLU A 35 -19.45 2.21 2.57
N ASP A 36 -18.49 2.50 3.43
CA ASP A 36 -18.46 3.77 4.15
C ASP A 36 -18.40 4.96 3.20
N LEU A 37 -17.45 4.93 2.27
CA LEU A 37 -17.29 6.02 1.32
C LEU A 37 -18.55 6.29 0.50
N GLN A 38 -19.19 5.22 0.03
CA GLN A 38 -20.40 5.34 -0.78
C GLN A 38 -21.55 5.93 0.04
N GLN A 39 -21.62 5.58 1.32
CA GLN A 39 -22.67 6.08 2.19
C GLN A 39 -22.51 7.59 2.36
N ARG A 40 -21.29 8.07 2.17
CA ARG A 40 -21.01 9.49 2.30
C ARG A 40 -20.99 10.21 0.96
N GLY A 41 -21.66 9.61 -0.03
CA GLY A 41 -21.77 10.20 -1.35
C GLY A 41 -20.65 10.04 -2.36
N ALA A 42 -19.71 9.13 -2.11
CA ALA A 42 -18.62 8.96 -3.05
C ALA A 42 -18.87 7.83 -4.04
N THR A 43 -18.34 8.01 -5.26
CA THR A 43 -18.45 6.99 -6.29
C THR A 43 -17.12 6.23 -6.17
N VAL A 44 -17.19 4.99 -5.70
CA VAL A 44 -15.99 4.19 -5.50
C VAL A 44 -15.93 2.88 -6.26
N TYR A 45 -14.75 2.56 -6.77
CA TYR A 45 -14.52 1.32 -7.50
C TYR A 45 -13.29 0.66 -6.89
N VAL A 46 -13.30 -0.67 -6.81
CA VAL A 46 -12.19 -1.39 -6.23
C VAL A 46 -11.47 -2.23 -7.27
N ALA A 47 -10.22 -1.90 -7.54
CA ALA A 47 -9.43 -2.63 -8.53
C ALA A 47 -9.16 -4.07 -8.11
N ASN A 48 -9.14 -4.97 -9.10
CA ASN A 48 -8.84 -6.38 -8.86
C ASN A 48 -7.64 -6.70 -9.73
N LEU A 49 -6.44 -6.57 -9.17
CA LEU A 49 -5.20 -6.81 -9.92
C LEU A 49 -4.49 -8.06 -9.42
N SER A 50 -3.44 -8.45 -10.15
CA SER A 50 -2.65 -9.62 -9.76
C SER A 50 -2.10 -9.37 -8.35
N GLY A 51 -2.29 -10.34 -7.46
CA GLY A 51 -1.79 -10.18 -6.11
C GLY A 51 -0.28 -10.29 -6.07
N PHE A 52 0.29 -10.91 -7.11
CA PHE A 52 1.72 -11.11 -7.20
C PHE A 52 2.22 -10.81 -8.60
N GLN A 53 2.89 -9.66 -8.72
CA GLN A 53 3.44 -9.24 -10.00
C GLN A 53 4.24 -7.97 -9.79
N SER A 54 4.96 -7.55 -10.81
CA SER A 54 5.71 -6.31 -10.75
C SER A 54 4.66 -5.27 -11.14
N ASP A 55 5.02 -4.00 -11.10
CA ASP A 55 4.06 -2.97 -11.46
C ASP A 55 4.17 -2.56 -12.92
N ASP A 56 5.38 -2.54 -13.44
CA ASP A 56 5.59 -2.21 -14.84
C ASP A 56 5.69 -3.52 -15.61
N GLY A 57 5.86 -3.44 -16.93
CA GLY A 57 5.95 -4.65 -17.72
C GLY A 57 4.64 -4.99 -18.41
N PRO A 58 4.68 -5.79 -19.49
CA PRO A 58 3.49 -6.19 -20.24
C PRO A 58 2.42 -6.84 -19.38
N ASN A 59 2.85 -7.69 -18.46
CA ASN A 59 1.91 -8.39 -17.59
C ASN A 59 1.79 -7.81 -16.18
N GLY A 60 2.39 -6.64 -15.96
CA GLY A 60 2.38 -6.02 -14.65
C GLY A 60 1.06 -5.46 -14.16
N ARG A 61 1.02 -5.06 -12.90
CA ARG A 61 -0.18 -4.51 -12.28
C ARG A 61 -0.50 -3.13 -12.87
N GLY A 62 0.52 -2.43 -13.33
CA GLY A 62 0.32 -1.12 -13.91
C GLY A 62 -0.59 -1.12 -15.12
N GLU A 63 -0.32 -1.99 -16.09
CA GLU A 63 -1.16 -2.05 -17.28
C GLU A 63 -2.55 -2.56 -16.91
N GLN A 64 -2.62 -3.41 -15.90
CA GLN A 64 -3.90 -3.95 -15.45
C GLN A 64 -4.74 -2.79 -14.91
N LEU A 65 -4.14 -1.97 -14.05
CA LEU A 65 -4.84 -0.83 -13.47
C LEU A 65 -5.26 0.18 -14.54
N LEU A 66 -4.38 0.43 -15.51
CA LEU A 66 -4.67 1.38 -16.59
C LEU A 66 -5.95 0.96 -17.31
N ALA A 67 -6.01 -0.32 -17.67
CA ALA A 67 -7.17 -0.86 -18.38
C ALA A 67 -8.42 -0.75 -17.51
N TYR A 68 -8.27 -1.00 -16.21
CA TYR A 68 -9.41 -0.92 -15.30
C TYR A 68 -9.87 0.53 -15.17
N VAL A 69 -8.92 1.45 -15.08
CA VAL A 69 -9.25 2.85 -14.97
C VAL A 69 -10.13 3.24 -16.17
N LYS A 70 -9.74 2.78 -17.34
CA LYS A 70 -10.50 3.09 -18.56
C LYS A 70 -11.94 2.58 -18.53
N THR A 71 -12.16 1.39 -17.97
CA THR A 71 -13.50 0.85 -17.91
C THR A 71 -14.34 1.63 -16.88
N VAL A 72 -13.68 2.15 -15.85
CA VAL A 72 -14.37 2.93 -14.83
C VAL A 72 -14.84 4.26 -15.42
N LEU A 73 -13.97 4.89 -16.20
CA LEU A 73 -14.30 6.16 -16.84
C LEU A 73 -15.45 5.95 -17.83
N ALA A 74 -15.36 4.90 -18.64
CA ALA A 74 -16.41 4.61 -19.61
C ALA A 74 -17.77 4.34 -18.95
N ALA A 75 -17.74 3.62 -17.84
CA ALA A 75 -18.96 3.27 -17.12
C ALA A 75 -19.59 4.44 -16.37
N THR A 76 -18.76 5.36 -15.92
CA THR A 76 -19.25 6.50 -15.15
C THR A 76 -19.43 7.76 -15.99
N GLY A 77 -18.65 7.88 -17.07
CA GLY A 77 -18.74 9.05 -17.91
C GLY A 77 -17.80 10.13 -17.40
N ALA A 78 -17.04 9.80 -16.37
CA ALA A 78 -16.08 10.73 -15.78
C ALA A 78 -14.84 10.76 -16.68
N THR A 79 -14.05 11.82 -16.61
CA THR A 79 -12.85 11.92 -17.43
C THR A 79 -11.57 11.63 -16.65
N LYS A 80 -11.67 11.60 -15.33
CA LYS A 80 -10.50 11.31 -14.49
C LYS A 80 -10.91 10.59 -13.22
N VAL A 81 -9.92 10.01 -12.54
CA VAL A 81 -10.20 9.31 -11.30
C VAL A 81 -9.16 9.66 -10.26
N ASN A 82 -9.50 9.41 -9.00
CA ASN A 82 -8.59 9.65 -7.90
C ASN A 82 -8.05 8.28 -7.52
N LEU A 83 -6.73 8.12 -7.58
CA LEU A 83 -6.12 6.85 -7.23
C LEU A 83 -5.71 6.84 -5.75
N VAL A 84 -6.17 5.82 -5.04
CA VAL A 84 -5.87 5.64 -3.62
C VAL A 84 -5.29 4.23 -3.45
N GLY A 85 -3.97 4.14 -3.38
CA GLY A 85 -3.35 2.83 -3.25
C GLY A 85 -2.74 2.54 -1.89
N HIS A 86 -2.81 1.29 -1.48
CA HIS A 86 -2.23 0.85 -0.22
C HIS A 86 -1.07 -0.06 -0.54
N SER A 87 0.05 0.15 0.15
CA SER A 87 1.24 -0.67 -0.07
C SER A 87 1.70 -0.56 -1.51
N GLN A 88 1.92 -1.71 -2.15
CA GLN A 88 2.38 -1.72 -3.54
C GLN A 88 1.36 -1.00 -4.42
N GLY A 89 0.11 -0.98 -3.96
CA GLY A 89 -0.95 -0.31 -4.71
C GLY A 89 -0.56 1.12 -5.05
N GLY A 90 0.23 1.74 -4.16
CA GLY A 90 0.67 3.10 -4.38
C GLY A 90 1.64 3.19 -5.55
N LEU A 91 2.42 2.15 -5.74
CA LEU A 91 3.39 2.12 -6.83
C LEU A 91 2.63 1.94 -8.15
N THR A 92 1.60 1.10 -8.12
CA THR A 92 0.79 0.86 -9.32
C THR A 92 0.09 2.15 -9.74
N SER A 93 -0.35 2.93 -8.75
CA SER A 93 -1.04 4.20 -9.02
C SER A 93 -0.07 5.19 -9.67
N ARG A 94 1.14 5.27 -9.13
CA ARG A 94 2.16 6.16 -9.66
C ARG A 94 2.42 5.82 -11.13
N TYR A 95 2.35 4.54 -11.45
CA TYR A 95 2.57 4.09 -12.83
C TYR A 95 1.51 4.66 -13.77
N VAL A 96 0.24 4.57 -13.39
CA VAL A 96 -0.84 5.09 -14.22
C VAL A 96 -0.78 6.60 -14.30
N ALA A 97 -0.45 7.25 -13.18
CA ALA A 97 -0.36 8.70 -13.14
C ALA A 97 0.72 9.18 -14.11
N ALA A 98 1.79 8.40 -14.24
CA ALA A 98 2.89 8.75 -15.12
C ALA A 98 2.65 8.48 -16.61
N VAL A 99 2.18 7.28 -16.95
CA VAL A 99 1.94 6.93 -18.34
C VAL A 99 0.62 7.43 -18.91
N ALA A 100 -0.33 7.77 -18.04
CA ALA A 100 -1.64 8.27 -18.47
C ALA A 100 -2.04 9.41 -17.54
N PRO A 101 -1.23 10.48 -17.49
CA PRO A 101 -1.50 11.63 -16.63
C PRO A 101 -2.86 12.29 -16.85
N ASP A 102 -3.35 12.27 -18.08
CA ASP A 102 -4.64 12.87 -18.41
C ASP A 102 -5.84 12.19 -17.75
N LEU A 103 -5.65 10.98 -17.26
CA LEU A 103 -6.76 10.24 -16.64
C LEU A 103 -6.75 10.29 -15.12
N VAL A 104 -5.72 10.90 -14.55
CA VAL A 104 -5.60 10.98 -13.09
C VAL A 104 -5.73 12.40 -12.57
N ALA A 105 -6.42 12.54 -11.44
CA ALA A 105 -6.61 13.85 -10.82
C ALA A 105 -5.79 13.94 -9.55
N SER A 106 -5.53 12.79 -8.93
CA SER A 106 -4.74 12.73 -7.70
C SER A 106 -4.23 11.32 -7.40
N VAL A 107 -3.20 11.26 -6.57
CA VAL A 107 -2.60 10.00 -6.17
C VAL A 107 -2.32 10.04 -4.67
N THR A 108 -2.92 9.11 -3.94
CA THR A 108 -2.74 9.02 -2.49
C THR A 108 -2.20 7.64 -2.16
N THR A 109 -1.11 7.59 -1.40
CA THR A 109 -0.52 6.31 -1.05
C THR A 109 -0.57 6.09 0.45
N ILE A 110 -0.97 4.88 0.85
CA ILE A 110 -1.08 4.52 2.25
C ILE A 110 -0.06 3.43 2.57
N GLY A 111 0.95 3.76 3.37
CA GLY A 111 1.96 2.78 3.72
C GLY A 111 2.55 2.14 2.49
N THR A 112 2.91 2.97 1.52
CA THR A 112 3.49 2.50 0.27
C THR A 112 5.01 2.55 0.32
N PRO A 113 5.66 1.42 -0.03
CA PRO A 113 7.12 1.35 -0.02
C PRO A 113 7.74 1.99 -1.25
N HIS A 114 7.71 3.32 -1.32
CA HIS A 114 8.31 4.04 -2.46
C HIS A 114 9.82 3.78 -2.57
N ARG A 115 10.45 3.42 -1.45
CA ARG A 115 11.87 3.14 -1.44
C ARG A 115 12.12 1.67 -1.14
N GLY A 116 11.09 0.85 -1.31
CA GLY A 116 11.22 -0.58 -1.06
C GLY A 116 11.03 -0.95 0.39
N SER A 117 11.14 -2.23 0.68
CA SER A 117 10.95 -2.74 2.03
C SER A 117 12.15 -3.55 2.53
N GLU A 118 12.63 -3.23 3.74
CA GLU A 118 13.75 -3.95 4.32
C GLU A 118 13.35 -5.41 4.57
N PHE A 119 12.05 -5.65 4.72
CA PHE A 119 11.60 -7.02 4.95
C PHE A 119 11.63 -7.77 3.63
N ALA A 120 11.46 -7.06 2.53
CA ALA A 120 11.50 -7.67 1.22
C ALA A 120 12.93 -8.13 0.99
N ASP A 121 13.89 -7.27 1.32
CA ASP A 121 15.32 -7.60 1.17
C ASP A 121 15.60 -8.85 1.97
N PHE A 122 15.09 -8.86 3.20
CA PHE A 122 15.27 -9.97 4.12
C PHE A 122 14.79 -11.29 3.52
N VAL A 123 13.51 -11.34 3.14
CA VAL A 123 12.93 -12.54 2.56
C VAL A 123 13.70 -12.99 1.32
N GLN A 124 14.08 -12.04 0.48
CA GLN A 124 14.84 -12.38 -0.73
C GLN A 124 16.20 -12.96 -0.34
N GLY A 125 16.81 -12.37 0.68
CA GLY A 125 18.09 -12.84 1.14
C GLY A 125 18.00 -14.27 1.63
N VAL A 126 16.91 -14.58 2.32
CA VAL A 126 16.68 -15.91 2.84
C VAL A 126 16.72 -16.94 1.71
N LEU A 127 15.97 -16.67 0.65
CA LEU A 127 15.93 -17.56 -0.51
C LEU A 127 17.32 -17.79 -1.12
N ALA A 128 18.12 -16.74 -1.16
CA ALA A 128 19.46 -16.82 -1.73
C ALA A 128 20.40 -17.77 -0.97
N TYR A 129 20.05 -18.13 0.26
CA TYR A 129 20.89 -19.03 1.03
C TYR A 129 20.75 -20.51 0.69
N ASP A 130 19.91 -20.80 -0.31
CA ASP A 130 19.72 -22.18 -0.75
C ASP A 130 20.63 -22.33 -1.97
N PRO A 131 21.80 -22.96 -1.78
CA PRO A 131 22.74 -23.15 -2.89
C PRO A 131 22.18 -23.87 -4.11
N THR A 132 21.08 -24.59 -3.94
CA THR A 132 20.47 -25.32 -5.05
C THR A 132 19.44 -24.47 -5.79
N GLY A 133 18.96 -23.41 -5.13
CA GLY A 133 17.97 -22.53 -5.75
C GLY A 133 16.58 -23.12 -5.83
N LEU A 134 16.43 -24.40 -5.48
CA LEU A 134 15.14 -25.08 -5.55
C LEU A 134 14.05 -24.49 -4.65
N SER A 135 14.44 -23.90 -3.53
CA SER A 135 13.45 -23.31 -2.62
C SER A 135 12.68 -22.17 -3.29
N SER A 136 13.35 -21.43 -4.18
CA SER A 136 12.70 -20.34 -4.89
C SER A 136 11.57 -20.89 -5.74
N THR A 137 11.85 -21.95 -6.47
CA THR A 137 10.88 -22.58 -7.35
C THR A 137 9.70 -23.13 -6.55
N VAL A 138 10.01 -23.95 -5.55
CA VAL A 138 8.99 -24.56 -4.71
C VAL A 138 8.14 -23.52 -4.02
N ILE A 139 8.79 -22.60 -3.31
CA ILE A 139 8.06 -21.55 -2.60
C ILE A 139 7.30 -20.64 -3.55
N ALA A 140 7.87 -20.35 -4.72
CA ALA A 140 7.20 -19.49 -5.69
C ALA A 140 5.93 -20.18 -6.18
N ALA A 141 6.02 -21.49 -6.41
CA ALA A 141 4.88 -22.27 -6.87
C ALA A 141 3.78 -22.20 -5.83
N PHE A 142 4.18 -22.35 -4.57
CA PHE A 142 3.23 -22.31 -3.46
C PHE A 142 2.55 -20.95 -3.37
N VAL A 143 3.33 -19.88 -3.46
CA VAL A 143 2.76 -18.54 -3.38
C VAL A 143 1.87 -18.23 -4.58
N ASN A 144 2.31 -18.61 -5.77
CA ASN A 144 1.53 -18.37 -6.96
C ASN A 144 0.18 -19.07 -6.87
N VAL A 145 0.17 -20.30 -6.38
CA VAL A 145 -1.08 -21.03 -6.23
C VAL A 145 -1.97 -20.28 -5.24
N PHE A 146 -1.37 -19.78 -4.16
CA PHE A 146 -2.12 -19.03 -3.17
C PHE A 146 -2.77 -17.83 -3.86
N GLY A 147 -2.01 -17.18 -4.74
CA GLY A 147 -2.52 -16.04 -5.47
C GLY A 147 -3.72 -16.40 -6.34
N ILE A 148 -3.58 -17.46 -7.12
CA ILE A 148 -4.66 -17.91 -8.01
C ILE A 148 -5.90 -18.30 -7.19
N LEU A 149 -5.68 -19.04 -6.11
CA LEU A 149 -6.78 -19.49 -5.25
C LEU A 149 -7.51 -18.36 -4.52
N THR A 150 -6.76 -17.39 -4.00
CA THR A 150 -7.38 -16.28 -3.28
C THR A 150 -7.89 -15.15 -4.16
N SER A 151 -7.43 -15.09 -5.40
CA SER A 151 -7.91 -14.05 -6.32
C SER A 151 -9.41 -14.21 -6.48
N SER A 152 -10.14 -13.10 -6.42
CA SER A 152 -11.60 -13.15 -6.55
C SER A 152 -11.99 -13.75 -7.90
N SER A 153 -11.15 -13.54 -8.91
CA SER A 153 -11.41 -14.02 -10.26
C SER A 153 -10.46 -15.15 -10.64
N ASN A 154 -9.75 -15.67 -9.66
CA ASN A 154 -8.79 -16.74 -9.89
C ASN A 154 -7.81 -16.37 -11.00
N ASN A 155 -7.37 -15.11 -10.99
CA ASN A 155 -6.41 -14.62 -11.98
C ASN A 155 -5.18 -15.53 -11.93
N THR A 156 -4.82 -16.11 -13.07
CA THR A 156 -3.68 -17.02 -13.14
C THR A 156 -2.36 -16.29 -13.37
N ASN A 157 -2.45 -14.98 -13.58
CA ASN A 157 -1.26 -14.16 -13.80
C ASN A 157 -0.64 -13.77 -12.45
N GLN A 158 0.11 -14.69 -11.87
CA GLN A 158 0.77 -14.48 -10.59
C GLN A 158 2.25 -14.83 -10.73
N ASP A 159 3.11 -13.96 -10.21
CA ASP A 159 4.56 -14.18 -10.27
C ASP A 159 5.18 -13.69 -8.97
N ALA A 160 5.12 -14.53 -7.95
CA ALA A 160 5.64 -14.21 -6.63
C ALA A 160 7.11 -13.76 -6.62
N LEU A 161 7.94 -14.41 -7.43
CA LEU A 161 9.35 -14.04 -7.46
C LEU A 161 9.55 -12.62 -7.96
N ALA A 162 8.81 -12.24 -9.00
CA ALA A 162 8.91 -10.91 -9.57
C ALA A 162 8.32 -9.87 -8.61
N ALA A 163 7.31 -10.28 -7.85
CA ALA A 163 6.66 -9.39 -6.90
C ALA A 163 7.62 -9.08 -5.73
N LEU A 164 8.31 -10.10 -5.26
CA LEU A 164 9.27 -9.96 -4.17
C LEU A 164 10.41 -9.04 -4.57
N LYS A 165 10.96 -9.25 -5.75
CA LYS A 165 12.07 -8.42 -6.24
C LYS A 165 11.63 -6.97 -6.37
N THR A 166 10.43 -6.77 -6.91
CA THR A 166 9.85 -5.44 -7.10
C THR A 166 9.85 -4.63 -5.81
N LEU A 167 9.62 -5.31 -4.69
CA LEU A 167 9.55 -4.65 -3.39
C LEU A 167 10.84 -4.45 -2.61
N THR A 168 11.95 -4.96 -3.14
CA THR A 168 13.25 -4.80 -2.48
C THR A 168 13.68 -3.34 -2.65
N THR A 169 14.51 -2.87 -1.74
CA THR A 169 14.99 -1.50 -1.77
C THR A 169 15.83 -1.17 -3.02
N ALA A 170 16.67 -2.11 -3.43
CA ALA A 170 17.49 -1.87 -4.60
C ALA A 170 16.64 -1.72 -5.86
N GLN A 171 15.61 -2.55 -5.98
CA GLN A 171 14.73 -2.50 -7.14
C GLN A 171 13.82 -1.29 -7.10
N ALA A 172 13.42 -0.88 -5.90
CA ALA A 172 12.56 0.28 -5.73
C ALA A 172 13.29 1.52 -6.27
N ALA A 173 14.58 1.63 -5.96
CA ALA A 173 15.37 2.77 -6.42
C ALA A 173 15.36 2.83 -7.95
N THR A 174 15.50 1.67 -8.57
CA THR A 174 15.48 1.59 -10.03
C THR A 174 14.11 1.98 -10.55
N TYR A 175 13.06 1.56 -9.85
CA TYR A 175 11.70 1.89 -10.25
C TYR A 175 11.52 3.41 -10.27
N ASN A 176 12.08 4.08 -9.27
CA ASN A 176 11.95 5.53 -9.19
C ASN A 176 12.74 6.27 -10.26
N GLN A 177 13.72 5.60 -10.86
CA GLN A 177 14.48 6.23 -11.93
C GLN A 177 13.67 6.15 -13.22
N ASN A 178 13.00 5.01 -13.43
CA ASN A 178 12.19 4.81 -14.63
C ASN A 178 10.86 5.56 -14.57
N TYR A 179 10.37 5.77 -13.36
CA TYR A 179 9.09 6.46 -13.17
C TYR A 179 9.24 7.58 -12.14
N PRO A 180 10.04 8.61 -12.48
CA PRO A 180 10.29 9.76 -11.62
C PRO A 180 8.99 10.44 -11.21
N SER A 181 9.04 11.23 -10.15
CA SER A 181 7.86 11.94 -9.67
C SER A 181 8.25 13.16 -8.86
N ALA A 182 7.56 14.27 -9.13
CA ALA A 182 7.82 15.51 -8.42
C ALA A 182 7.48 15.33 -6.93
N GLY A 183 6.62 14.36 -6.64
CA GLY A 183 6.23 14.11 -5.27
C GLY A 183 7.25 13.32 -4.45
N LEU A 184 8.36 12.95 -5.07
CA LEU A 184 9.40 12.19 -4.37
C LEU A 184 10.63 13.02 -4.06
N GLY A 185 11.19 12.83 -2.87
CA GLY A 185 12.39 13.55 -2.49
C GLY A 185 13.59 12.81 -3.03
N ALA A 186 14.79 13.25 -2.67
CA ALA A 186 16.00 12.60 -3.14
C ALA A 186 16.18 11.27 -2.42
N PRO A 187 16.61 10.22 -3.16
CA PRO A 187 16.78 8.94 -2.48
C PRO A 187 17.79 9.03 -1.33
N GLY A 188 17.51 8.31 -0.26
CA GLY A 188 18.40 8.32 0.89
C GLY A 188 18.28 9.57 1.73
N SER A 189 17.31 10.42 1.41
CA SER A 189 17.12 11.67 2.15
C SER A 189 16.02 11.56 3.21
N CYS A 190 15.16 10.56 3.06
CA CYS A 190 14.05 10.40 3.98
C CYS A 190 13.26 11.69 3.99
N GLN A 191 13.00 12.21 2.81
CA GLN A 191 12.26 13.45 2.65
C GLN A 191 11.23 13.25 1.55
N THR A 192 10.18 14.06 1.55
CA THR A 192 9.17 13.94 0.51
C THR A 192 9.48 14.96 -0.58
N GLY A 193 8.63 15.02 -1.60
CA GLY A 193 8.83 15.95 -2.69
C GLY A 193 7.77 17.04 -2.66
N ALA A 194 7.22 17.37 -3.83
CA ALA A 194 6.19 18.40 -3.94
C ALA A 194 4.79 17.85 -3.67
N PRO A 195 3.85 18.74 -3.30
CA PRO A 195 2.45 18.35 -3.01
C PRO A 195 1.61 18.08 -4.27
N THR A 196 2.09 18.54 -5.42
CA THR A 196 1.39 18.34 -6.68
C THR A 196 2.41 18.15 -7.78
N GLU A 197 1.94 17.70 -8.94
CA GLU A 197 2.78 17.50 -10.10
C GLU A 197 1.99 17.86 -11.34
N THR A 198 2.69 18.21 -12.40
CA THR A 198 2.08 18.54 -13.67
C THR A 198 2.85 17.75 -14.71
N VAL A 199 2.22 16.71 -15.24
CA VAL A 199 2.84 15.84 -16.23
C VAL A 199 2.09 15.93 -17.56
N GLY A 200 2.80 16.37 -18.61
CA GLY A 200 2.18 16.49 -19.91
C GLY A 200 1.03 17.48 -19.89
N GLY A 201 1.08 18.43 -18.96
CA GLY A 201 0.04 19.44 -18.86
C GLY A 201 -1.11 19.09 -17.94
N ASN A 202 -1.02 17.93 -17.30
CA ASN A 202 -2.06 17.47 -16.39
C ASN A 202 -1.56 17.54 -14.95
N THR A 203 -2.30 18.27 -14.11
CA THR A 203 -1.96 18.44 -12.71
C THR A 203 -2.55 17.33 -11.86
N HIS A 204 -1.75 16.83 -10.91
CA HIS A 204 -2.16 15.77 -9.99
C HIS A 204 -1.89 16.21 -8.56
N LEU A 205 -2.86 16.03 -7.67
CA LEU A 205 -2.66 16.38 -6.27
C LEU A 205 -2.06 15.13 -5.64
N LEU A 206 -0.90 15.27 -5.00
CA LEU A 206 -0.24 14.13 -4.39
C LEU A 206 -0.33 14.14 -2.88
N TYR A 207 -0.63 12.97 -2.30
CA TYR A 207 -0.79 12.83 -0.86
C TYR A 207 -0.25 11.49 -0.37
N SER A 208 -0.04 11.40 0.93
CA SER A 208 0.43 10.16 1.53
C SER A 208 0.41 10.24 3.05
N TRP A 209 0.47 9.07 3.67
CA TRP A 209 0.54 8.95 5.11
C TRP A 209 1.04 7.54 5.39
N ALA A 210 1.56 7.33 6.59
CA ALA A 210 2.10 6.03 6.94
C ALA A 210 1.77 5.62 8.36
N GLY A 211 1.88 4.32 8.62
CA GLY A 211 1.63 3.79 9.95
C GLY A 211 2.97 3.55 10.61
N THR A 212 3.10 3.95 11.86
CA THR A 212 4.35 3.77 12.59
C THR A 212 4.11 3.17 13.97
N ALA A 213 3.31 2.11 14.02
CA ALA A 213 3.03 1.45 15.28
C ALA A 213 4.30 0.85 15.85
N ILE A 214 5.12 0.25 14.98
CA ILE A 214 6.35 -0.39 15.42
C ILE A 214 7.49 0.61 15.61
N GLN A 215 7.84 0.86 16.87
CA GLN A 215 8.89 1.81 17.20
C GLN A 215 10.11 1.17 17.86
N PRO A 216 11.31 1.62 17.50
CA PRO A 216 12.52 1.06 18.10
C PRO A 216 12.53 1.67 19.51
N THR A 217 12.71 0.86 20.55
CA THR A 217 12.68 1.42 21.89
C THR A 217 13.85 1.05 22.80
N ILE A 218 14.69 0.12 22.35
CA ILE A 218 15.84 -0.30 23.14
C ILE A 218 16.88 -0.98 22.28
N SER A 219 18.14 -0.70 22.56
CA SER A 219 19.24 -1.29 21.81
C SER A 219 20.30 -1.82 22.77
N VAL A 220 20.59 -3.10 22.63
CA VAL A 220 21.57 -3.76 23.49
C VAL A 220 22.35 -4.82 22.74
N PHE A 221 23.68 -4.77 22.85
CA PHE A 221 24.56 -5.73 22.20
C PHE A 221 24.26 -5.84 20.71
N GLY A 222 24.13 -4.69 20.05
CA GLY A 222 23.86 -4.68 18.62
C GLY A 222 22.44 -5.05 18.25
N VAL A 223 21.65 -5.50 19.22
CA VAL A 223 20.26 -5.88 18.97
C VAL A 223 19.29 -4.77 19.33
N THR A 224 18.32 -4.51 18.45
CA THR A 224 17.34 -3.47 18.69
C THR A 224 15.96 -4.07 18.90
N GLY A 225 15.34 -3.73 20.02
CA GLY A 225 14.02 -4.23 20.33
C GLY A 225 12.98 -3.17 20.02
N ALA A 226 11.80 -3.58 19.58
CA ALA A 226 10.75 -2.64 19.24
C ALA A 226 9.56 -2.76 20.17
N THR A 227 8.62 -1.85 19.99
CA THR A 227 7.39 -1.82 20.78
C THR A 227 6.23 -1.52 19.84
N ASP A 228 5.15 -2.29 19.99
CA ASP A 228 3.97 -2.08 19.16
C ASP A 228 3.12 -1.04 19.88
N THR A 229 3.32 0.22 19.52
CA THR A 229 2.60 1.32 20.15
C THR A 229 1.11 1.38 19.82
N SER A 230 0.63 0.48 18.98
CA SER A 230 -0.79 0.47 18.62
C SER A 230 -1.61 -0.22 19.71
N THR A 231 -0.95 -1.04 20.52
CA THR A 231 -1.65 -1.77 21.56
C THR A 231 -1.35 -1.38 22.99
N ILE A 232 -2.29 -1.69 23.88
CA ILE A 232 -2.09 -1.45 25.29
C ILE A 232 -1.19 -2.63 25.67
N PRO A 233 0.00 -2.34 26.18
CA PRO A 233 0.96 -3.39 26.57
C PRO A 233 0.40 -4.67 27.19
N LEU A 234 0.68 -5.79 26.54
CA LEU A 234 0.28 -7.11 27.01
C LEU A 234 -1.19 -7.53 26.93
N VAL A 235 -2.07 -6.75 27.54
CA VAL A 235 -3.50 -7.08 27.59
C VAL A 235 -4.40 -6.67 26.41
N ASP A 236 -3.85 -5.97 25.42
CA ASP A 236 -4.67 -5.53 24.30
C ASP A 236 -5.33 -6.70 23.57
N PRO A 237 -6.67 -6.68 23.46
CA PRO A 237 -7.42 -7.75 22.78
C PRO A 237 -7.03 -7.95 21.32
N ALA A 238 -6.56 -6.88 20.68
CA ALA A 238 -6.15 -6.96 19.28
C ALA A 238 -5.07 -8.01 19.04
N ASN A 239 -4.33 -8.35 20.09
CA ASN A 239 -3.28 -9.36 19.97
C ASN A 239 -3.89 -10.76 19.89
N ALA A 240 -5.12 -10.90 20.37
CA ALA A 240 -5.82 -12.18 20.37
C ALA A 240 -6.85 -12.34 19.25
N LEU A 241 -7.51 -11.25 18.88
CA LEU A 241 -8.53 -11.31 17.85
C LEU A 241 -8.01 -11.05 16.44
N ASP A 242 -6.79 -10.51 16.34
CA ASP A 242 -6.20 -10.24 15.03
C ASP A 242 -4.80 -10.84 15.00
N PRO A 243 -4.64 -11.99 14.34
CA PRO A 243 -3.33 -12.66 14.25
C PRO A 243 -2.23 -11.83 13.60
N SER A 244 -2.61 -10.87 12.75
CA SER A 244 -1.61 -10.04 12.08
C SER A 244 -0.95 -9.01 13.01
N THR A 245 -1.60 -8.72 14.14
CA THR A 245 -1.05 -7.76 15.09
C THR A 245 0.35 -8.16 15.57
N LEU A 246 0.47 -9.34 16.17
CA LEU A 246 1.76 -9.82 16.65
C LEU A 246 2.70 -10.20 15.51
N ALA A 247 2.15 -10.75 14.43
CA ALA A 247 2.98 -11.12 13.29
C ALA A 247 3.68 -9.88 12.74
N LEU A 248 2.93 -8.79 12.60
CA LEU A 248 3.49 -7.54 12.09
C LEU A 248 4.50 -6.93 13.07
N PHE A 249 4.30 -7.20 14.37
CA PHE A 249 5.22 -6.73 15.38
C PHE A 249 6.53 -7.52 15.20
N GLY A 250 6.39 -8.80 14.86
CA GLY A 250 7.54 -9.65 14.64
C GLY A 250 8.33 -9.23 13.39
N THR A 251 7.63 -9.02 12.28
CA THR A 251 8.30 -8.60 11.06
C THR A 251 8.83 -7.18 11.20
N GLY A 252 8.16 -6.40 12.05
CA GLY A 252 8.59 -5.04 12.30
C GLY A 252 9.90 -5.02 13.07
N THR A 253 10.10 -6.03 13.92
CA THR A 253 11.32 -6.13 14.70
C THR A 253 12.50 -6.50 13.80
N VAL A 254 12.24 -7.35 12.81
CA VAL A 254 13.28 -7.74 11.87
C VAL A 254 13.72 -6.51 11.09
N MET A 255 12.75 -5.66 10.75
CA MET A 255 13.04 -4.43 10.00
C MET A 255 13.89 -3.42 10.76
N VAL A 256 13.54 -3.13 12.02
CA VAL A 256 14.32 -2.19 12.81
C VAL A 256 15.76 -2.69 12.99
N ASN A 257 15.94 -4.00 12.93
CA ASN A 257 17.26 -4.59 13.08
C ASN A 257 17.99 -4.59 11.74
N ARG A 258 17.30 -4.10 10.71
CA ARG A 258 17.88 -3.98 9.38
C ARG A 258 18.00 -2.50 9.04
N GLY A 259 17.93 -1.66 10.08
CA GLY A 259 18.06 -0.21 9.92
C GLY A 259 16.88 0.56 9.36
N SER A 260 15.68 -0.02 9.43
CA SER A 260 14.50 0.63 8.90
C SER A 260 13.98 1.83 9.72
N GLY A 261 14.14 1.75 11.03
CA GLY A 261 13.59 2.81 11.87
C GLY A 261 12.12 2.47 12.03
N GLN A 262 11.35 3.35 12.67
CA GLN A 262 9.91 3.12 12.87
C GLN A 262 9.23 2.63 11.60
N ASN A 263 8.31 1.66 11.76
CA ASN A 263 7.59 1.09 10.63
C ASN A 263 6.23 0.50 11.02
N ASP A 264 5.57 -0.11 10.05
CA ASP A 264 4.26 -0.72 10.29
C ASP A 264 4.34 -2.24 10.15
N GLY A 265 5.56 -2.76 10.09
CA GLY A 265 5.75 -4.19 9.97
C GLY A 265 6.21 -4.60 8.59
N VAL A 266 5.98 -3.73 7.60
CA VAL A 266 6.38 -4.00 6.22
C VAL A 266 7.02 -2.79 5.54
N VAL A 267 6.55 -1.59 5.88
CA VAL A 267 7.06 -0.36 5.26
C VAL A 267 7.54 0.65 6.29
N SER A 268 8.74 1.20 6.08
CA SER A 268 9.31 2.17 7.01
C SER A 268 8.72 3.56 6.76
N LYS A 269 8.85 4.43 7.77
CA LYS A 269 8.35 5.79 7.66
C LYS A 269 8.99 6.49 6.48
N CYS A 270 10.31 6.41 6.39
CA CYS A 270 11.06 7.06 5.31
C CYS A 270 10.66 6.56 3.94
N SER A 271 10.36 5.27 3.83
CA SER A 271 9.98 4.70 2.54
C SER A 271 8.59 5.11 2.08
N ALA A 272 7.72 5.43 3.04
CA ALA A 272 6.34 5.80 2.73
C ALA A 272 6.11 7.26 2.30
N LEU A 273 7.11 8.11 2.50
CA LEU A 273 6.98 9.54 2.17
C LEU A 273 6.75 9.83 0.69
N TYR A 274 5.68 10.57 0.41
CA TYR A 274 5.32 10.93 -0.97
C TYR A 274 4.33 12.10 -1.00
N GLY A 275 4.54 13.03 -1.91
CA GLY A 275 3.66 14.17 -2.03
C GLY A 275 3.44 14.87 -0.70
N GLN A 276 2.21 15.32 -0.46
CA GLN A 276 1.91 15.98 0.80
C GLN A 276 1.74 14.90 1.87
N VAL A 277 2.68 14.87 2.81
CA VAL A 277 2.65 13.89 3.88
C VAL A 277 1.70 14.37 4.97
N LEU A 278 0.45 13.90 4.91
CA LEU A 278 -0.56 14.26 5.87
C LEU A 278 -0.18 13.79 7.27
N SER A 279 0.43 12.62 7.35
CA SER A 279 0.85 12.08 8.64
C SER A 279 1.69 10.81 8.57
N THR A 280 2.51 10.61 9.60
CA THR A 280 3.35 9.43 9.75
C THR A 280 3.28 9.05 11.23
N SER A 281 2.31 9.61 11.93
CA SER A 281 2.14 9.37 13.36
C SER A 281 1.10 8.34 13.77
N TYR A 282 0.28 7.91 12.81
CA TYR A 282 -0.75 6.91 13.11
C TYR A 282 -0.12 5.68 13.75
N LYS A 283 -0.65 5.28 14.90
CA LYS A 283 -0.14 4.10 15.59
C LYS A 283 -0.76 2.87 14.94
N TRP A 284 -0.38 2.64 13.69
CA TRP A 284 -0.91 1.51 12.93
C TRP A 284 0.14 0.55 12.40
N ASN A 285 -0.21 -0.72 12.32
CA ASN A 285 0.70 -1.69 11.72
C ASN A 285 0.18 -1.68 10.29
N HIS A 286 0.86 -2.39 9.38
CA HIS A 286 0.47 -2.38 7.97
C HIS A 286 -0.98 -2.72 7.62
N LEU A 287 -1.60 -3.65 8.33
CA LEU A 287 -2.99 -4.02 8.01
C LEU A 287 -4.05 -3.14 8.64
N ASP A 288 -3.72 -2.45 9.73
CA ASP A 288 -4.68 -1.55 10.36
C ASP A 288 -5.03 -0.45 9.36
N GLU A 289 -4.06 -0.13 8.50
CA GLU A 289 -4.21 0.90 7.48
C GLU A 289 -5.41 0.66 6.59
N ILE A 290 -5.75 -0.60 6.40
CA ILE A 290 -6.90 -0.95 5.57
C ILE A 290 -8.01 -1.56 6.40
N ASN A 291 -8.07 -1.16 7.66
CA ASN A 291 -9.08 -1.63 8.60
C ASN A 291 -9.16 -3.15 8.68
N GLN A 292 -7.99 -3.80 8.77
CA GLN A 292 -7.90 -5.25 8.85
C GLN A 292 -7.15 -5.68 10.12
N LEU A 293 -7.33 -6.94 10.54
CA LEU A 293 -8.21 -7.88 9.87
C LEU A 293 -9.60 -7.82 10.48
N LEU A 294 -10.62 -7.71 9.63
CA LEU A 294 -11.99 -7.63 10.10
C LEU A 294 -12.22 -6.46 11.05
N GLY A 295 -11.59 -5.33 10.76
CA GLY A 295 -11.75 -4.14 11.58
C GLY A 295 -11.13 -4.14 12.96
N VAL A 296 -10.23 -5.07 13.24
CA VAL A 296 -9.61 -5.13 14.56
C VAL A 296 -8.30 -4.36 14.60
N ARG A 297 -8.16 -3.51 15.62
CA ARG A 297 -6.95 -2.71 15.78
C ARG A 297 -6.69 -2.48 17.26
N GLY A 298 -5.43 -2.21 17.59
CA GLY A 298 -5.06 -1.96 18.98
C GLY A 298 -5.80 -0.78 19.57
N ALA A 299 -5.88 -0.75 20.90
CA ALA A 299 -6.57 0.31 21.62
C ALA A 299 -6.07 1.72 21.32
N ASN A 300 -4.79 1.85 20.95
CA ASN A 300 -4.22 3.17 20.66
C ASN A 300 -4.22 3.54 19.18
N ALA A 301 -4.77 2.66 18.34
CA ALA A 301 -4.82 2.91 16.91
C ALA A 301 -5.99 3.81 16.50
N GLU A 302 -5.71 4.78 15.63
CA GLU A 302 -6.74 5.67 15.13
C GLU A 302 -7.67 4.87 14.22
N ASP A 303 -8.88 5.40 14.00
CA ASP A 303 -9.86 4.74 13.16
C ASP A 303 -9.47 4.90 11.68
N PRO A 304 -9.08 3.80 11.02
CA PRO A 304 -8.69 3.89 9.60
C PRO A 304 -9.83 4.30 8.66
N VAL A 305 -11.06 3.88 8.98
CA VAL A 305 -12.19 4.22 8.15
C VAL A 305 -12.41 5.74 8.16
N ALA A 306 -12.38 6.33 9.36
CA ALA A 306 -12.57 7.77 9.50
C ALA A 306 -11.46 8.55 8.78
N VAL A 307 -10.22 8.08 8.90
CA VAL A 307 -9.10 8.77 8.26
C VAL A 307 -9.28 8.80 6.74
N ILE A 308 -9.64 7.66 6.16
CA ILE A 308 -9.85 7.58 4.72
C ILE A 308 -11.06 8.42 4.31
N ARG A 309 -12.11 8.41 5.13
CA ARG A 309 -13.32 9.18 4.85
C ARG A 309 -12.99 10.68 4.83
N THR A 310 -12.25 11.12 5.84
CA THR A 310 -11.87 12.52 5.93
C THR A 310 -11.01 12.92 4.74
N HIS A 311 -10.21 12.00 4.24
CA HIS A 311 -9.37 12.31 3.10
C HIS A 311 -10.21 12.51 1.87
N ALA A 312 -11.26 11.70 1.72
CA ALA A 312 -12.14 11.83 0.57
C ALA A 312 -12.71 13.24 0.60
N ASN A 313 -13.03 13.72 1.81
CA ASN A 313 -13.57 15.07 1.96
C ASN A 313 -12.49 16.08 1.60
N ARG A 314 -11.26 15.77 2.01
CA ARG A 314 -10.13 16.65 1.72
C ARG A 314 -10.00 16.80 0.20
N LEU A 315 -10.15 15.69 -0.51
CA LEU A 315 -10.06 15.69 -1.97
C LEU A 315 -11.20 16.53 -2.55
N LYS A 316 -12.38 16.38 -1.97
CA LYS A 316 -13.56 17.11 -2.41
C LYS A 316 -13.29 18.60 -2.33
N LEU A 317 -12.87 19.05 -1.15
CA LEU A 317 -12.59 20.47 -0.93
C LEU A 317 -11.47 20.96 -1.83
N ALA A 318 -10.58 20.05 -2.23
CA ALA A 318 -9.45 20.41 -3.07
C ALA A 318 -9.87 20.58 -4.53
N GLY A 319 -11.07 20.10 -4.84
CA GLY A 319 -11.56 20.23 -6.20
C GLY A 319 -11.45 19.01 -7.09
N VAL A 320 -11.04 17.88 -6.53
CA VAL A 320 -10.92 16.66 -7.33
C VAL A 320 -11.92 15.61 -6.87
CA CA B . -5.31 -5.07 12.75
P INK C . 2.64 -4.15 0.36
C1 INK C . 4.36 -4.12 0.22
O1 INK C . 1.94 -4.48 -1.02
O2 INK C . 2.35 -5.23 1.50
C2 INK C . 1.71 -6.52 1.37
C3 INK C . 0.51 -6.66 2.30
C4 INK C . -0.57 -5.77 1.78
C5 INK C . 2.71 -7.62 1.68
O3 INK C . 4.09 -7.18 1.46
C6 INK C . 6.30 -9.70 3.13
C7 INK C . 7.38 -9.77 2.20
C8 INK C . 7.36 -8.98 1.03
C9 INK C . 6.27 -8.13 0.77
C10 INK C . 5.18 -8.04 1.69
C11 INK C . 5.20 -8.83 2.87
#